data_3WW1
#
_entry.id   3WW1
#
_cell.length_a   76.730
_cell.length_b   88.550
_cell.length_c   152.020
_cell.angle_alpha   90.00
_cell.angle_beta   90.00
_cell.angle_gamma   90.00
#
_symmetry.space_group_name_H-M   'C 2 2 21'
#
loop_
_entity.id
_entity.type
_entity.pdbx_description
1 polymer 'L-ribose isomerase'
2 non-polymer 'MANGANESE (II) ION'
3 non-polymer beta-L-ribopyranose
4 non-polymer L-ribose
5 water water
#
_entity_poly.entity_id   1
_entity_poly.type   'polypeptide(L)'
_entity_poly.pdbx_seq_one_letter_code
;HHHHHHGSTRTAISRREYDEWLSEAASLARALRYPVTPEMVNDSAGIVFGDDQYEAFAHGLWSREPYEVMVILESLNEPA
VDGLPAAGAAHAEYSGLCDKLMIVHPGKFCPPHFHQRKTESYEVVLGEMEVFYAPEPVTVGDDDVLSFSPMPEGSPWPEG
VALPAGREDSYAGLTSYVRLRAGDPKFVMHRKHLHAFRCPADSPVPLVVREVSTYSHEPTEHAHDKAAPLPQWRGLHDNT
FVAEAANSGRLATAIA
;
_entity_poly.pdbx_strand_id   A,B
#
loop_
_chem_comp.id
_chem_comp.type
_chem_comp.name
_chem_comp.formula
0MK L-saccharide, beta linking beta-L-ribopyranose 'C5 H10 O5'
MN non-polymer 'MANGANESE (II) ION' 'Mn 2'
ROR L-saccharide L-ribose 'C5 H10 O5'
#
# COMPACT_ATOMS: atom_id res chain seq x y z
N THR A 9 32.64 8.66 22.64
CA THR A 9 31.23 8.26 22.33
C THR A 9 31.03 8.12 20.82
N ARG A 10 30.19 7.17 20.42
CA ARG A 10 29.93 6.93 19.00
C ARG A 10 29.30 8.13 18.31
N THR A 11 29.92 8.58 17.23
CA THR A 11 29.41 9.72 16.46
C THR A 11 29.11 9.29 15.03
N ALA A 12 29.32 8.01 14.76
CA ALA A 12 29.07 7.45 13.44
C ALA A 12 29.02 5.93 13.52
N ILE A 13 28.59 5.30 12.44
CA ILE A 13 28.51 3.85 12.38
C ILE A 13 29.58 3.41 11.40
N SER A 14 30.37 2.40 11.76
CA SER A 14 31.43 1.93 10.87
C SER A 14 30.80 1.36 9.60
N ARG A 15 31.59 1.26 8.54
CA ARG A 15 31.10 0.73 7.27
C ARG A 15 30.67 -0.72 7.44
N ARG A 16 31.40 -1.48 8.26
CA ARG A 16 31.07 -2.88 8.48
C ARG A 16 29.73 -3.03 9.19
N GLU A 17 29.52 -2.25 10.25
CA GLU A 17 28.28 -2.31 11.01
C GLU A 17 27.08 -1.91 10.16
N TYR A 18 27.26 -0.92 9.30
CA TYR A 18 26.18 -0.45 8.44
C TYR A 18 25.81 -1.50 7.40
N ASP A 19 26.81 -2.04 6.70
CA ASP A 19 26.57 -3.05 5.68
C ASP A 19 25.94 -4.31 6.24
N GLU A 20 26.38 -4.72 7.43
CA GLU A 20 25.83 -5.91 8.04
C GLU A 20 24.38 -5.63 8.44
N TRP A 21 24.14 -4.42 8.95
CA TRP A 21 22.81 -3.99 9.36
C TRP A 21 21.85 -3.98 8.17
N LEU A 22 22.22 -3.26 7.12
CA LEU A 22 21.37 -3.20 5.94
C LEU A 22 21.29 -4.50 5.15
N SER A 23 22.37 -5.26 5.14
CA SER A 23 22.38 -6.52 4.40
C SER A 23 21.47 -7.56 5.01
N GLU A 24 21.47 -7.66 6.32
CA GLU A 24 20.61 -8.63 7.00
C GLU A 24 19.16 -8.15 6.88
N ALA A 25 18.97 -6.83 6.93
CA ALA A 25 17.62 -6.27 6.84
C ALA A 25 17.02 -6.58 5.47
N ALA A 26 17.79 -6.34 4.41
CA ALA A 26 17.31 -6.59 3.07
C ALA A 26 17.13 -8.09 2.81
N SER A 27 17.90 -8.93 3.48
CA SER A 27 17.78 -10.38 3.31
C SER A 27 16.51 -10.86 4.00
N LEU A 28 16.24 -10.27 5.15
CA LEU A 28 15.06 -10.64 5.91
C LEU A 28 13.86 -10.20 5.08
N ALA A 29 13.98 -9.01 4.49
CA ALA A 29 12.93 -8.45 3.65
C ALA A 29 12.62 -9.38 2.48
N ARG A 30 13.65 -9.75 1.73
CA ARG A 30 13.48 -10.64 0.58
C ARG A 30 12.90 -11.97 1.02
N ALA A 31 13.37 -12.49 2.14
CA ALA A 31 12.87 -13.75 2.67
C ALA A 31 11.37 -13.62 2.85
N LEU A 32 10.92 -12.44 3.25
CA LEU A 32 9.50 -12.22 3.47
C LEU A 32 8.80 -11.82 2.19
N ARG A 33 9.48 -11.99 1.07
CA ARG A 33 8.94 -11.67 -0.25
C ARG A 33 8.78 -10.19 -0.60
N TYR A 34 9.36 -9.29 0.19
CA TYR A 34 9.22 -7.88 -0.14
C TYR A 34 10.08 -7.63 -1.38
N PRO A 35 9.58 -6.83 -2.34
CA PRO A 35 10.35 -6.56 -3.56
C PRO A 35 11.54 -5.62 -3.33
N VAL A 36 12.72 -6.19 -3.12
CA VAL A 36 13.91 -5.38 -2.91
C VAL A 36 14.85 -5.40 -4.11
N THR A 37 15.15 -4.23 -4.65
CA THR A 37 16.08 -4.12 -5.76
C THR A 37 17.30 -3.40 -5.17
N PRO A 38 18.47 -3.53 -5.82
CA PRO A 38 19.68 -2.89 -5.30
C PRO A 38 19.66 -1.40 -4.96
N GLU A 39 18.95 -0.58 -5.74
CA GLU A 39 18.94 0.85 -5.46
C GLU A 39 18.26 1.19 -4.13
N MET A 40 17.49 0.25 -3.60
CA MET A 40 16.80 0.43 -2.33
C MET A 40 17.74 0.28 -1.14
N VAL A 41 18.83 -0.46 -1.32
CA VAL A 41 19.79 -0.63 -0.22
C VAL A 41 20.90 0.40 -0.40
N ASN A 42 20.72 1.55 0.26
CA ASN A 42 21.64 2.65 0.13
C ASN A 42 22.08 3.28 1.45
N ASP A 43 22.89 4.34 1.34
CA ASP A 43 23.42 5.04 2.51
C ASP A 43 22.39 5.78 3.38
N SER A 44 21.14 5.82 2.96
CA SER A 44 20.14 6.51 3.76
C SER A 44 19.02 5.61 4.31
N ALA A 45 19.08 4.31 3.99
CA ALA A 45 18.07 3.35 4.45
C ALA A 45 18.19 3.02 5.95
N GLY A 46 19.41 3.05 6.48
CA GLY A 46 19.61 2.77 7.89
C GLY A 46 19.64 4.10 8.62
N ILE A 47 18.52 4.44 9.27
CA ILE A 47 18.36 5.72 9.97
C ILE A 47 18.73 5.75 11.46
N VAL A 48 19.43 6.80 11.86
CA VAL A 48 19.83 7.01 13.24
C VAL A 48 19.28 8.39 13.60
N PHE A 49 18.27 8.42 14.46
CA PHE A 49 17.62 9.67 14.85
C PHE A 49 18.38 10.50 15.87
N GLY A 50 19.36 11.26 15.41
CA GLY A 50 20.14 12.09 16.29
C GLY A 50 21.52 11.49 16.51
N ASP A 51 22.52 12.35 16.66
CA ASP A 51 23.88 11.88 16.87
C ASP A 51 24.06 11.10 18.17
N ASP A 52 23.20 11.38 19.16
CA ASP A 52 23.31 10.68 20.43
C ASP A 52 22.80 9.25 20.32
N GLN A 53 22.19 8.92 19.18
CA GLN A 53 21.65 7.59 18.98
C GLN A 53 22.60 6.63 18.28
N TYR A 54 23.77 7.13 17.90
CA TYR A 54 24.77 6.27 17.26
C TYR A 54 25.32 5.33 18.33
N GLU A 55 25.08 5.69 19.59
CA GLU A 55 25.52 4.90 20.72
C GLU A 55 24.84 3.52 20.70
N ALA A 56 23.79 3.40 19.90
CA ALA A 56 23.07 2.13 19.77
C ALA A 56 24.01 1.05 19.27
N PHE A 57 25.03 1.45 18.52
CA PHE A 57 25.98 0.50 17.97
C PHE A 57 27.16 0.19 18.88
N ALA A 58 27.16 0.78 20.07
CA ALA A 58 28.24 0.52 21.02
C ALA A 58 28.09 -0.94 21.44
N HIS A 59 26.84 -1.37 21.63
CA HIS A 59 26.55 -2.75 22.02
C HIS A 59 25.82 -3.52 20.92
N GLY A 60 25.35 -2.82 19.90
CA GLY A 60 24.70 -3.49 18.79
C GLY A 60 23.19 -3.63 18.81
N LEU A 61 22.64 -3.99 17.65
CA LEU A 61 21.20 -4.14 17.44
C LEU A 61 20.55 -5.29 18.19
N TRP A 62 21.36 -6.11 18.85
CA TRP A 62 20.84 -7.23 19.62
C TRP A 62 21.15 -7.09 21.12
N SER A 63 21.38 -5.86 21.56
CA SER A 63 21.66 -5.59 22.97
C SER A 63 20.36 -5.40 23.72
N ARG A 64 19.27 -5.17 22.97
CA ARG A 64 17.93 -4.96 23.52
C ARG A 64 17.77 -3.64 24.25
N GLU A 65 18.78 -2.78 24.14
CA GLU A 65 18.76 -1.47 24.78
C GLU A 65 17.91 -0.50 23.94
N PRO A 66 17.22 0.44 24.59
CA PRO A 66 16.36 1.43 23.94
C PRO A 66 17.08 2.54 23.19
N TYR A 67 16.91 2.55 21.87
CA TYR A 67 17.51 3.57 21.01
C TYR A 67 16.57 3.76 19.84
N GLU A 68 16.66 4.94 19.21
CA GLU A 68 15.82 5.28 18.07
C GLU A 68 16.66 5.12 16.81
N VAL A 69 16.57 3.92 16.25
CA VAL A 69 17.33 3.52 15.10
C VAL A 69 16.49 2.48 14.35
N MET A 70 16.51 2.52 13.02
CA MET A 70 15.74 1.57 12.22
C MET A 70 16.17 1.59 10.77
N VAL A 71 15.73 0.60 10.02
CA VAL A 71 16.04 0.55 8.60
C VAL A 71 14.70 0.66 7.86
N ILE A 72 14.71 1.40 6.77
CA ILE A 72 13.53 1.59 5.97
C ILE A 72 13.87 1.26 4.51
N LEU A 73 13.14 0.30 3.95
CA LEU A 73 13.32 -0.12 2.57
C LEU A 73 12.09 0.33 1.82
N GLU A 74 12.25 1.36 1.00
CA GLU A 74 11.13 1.95 0.24
C GLU A 74 11.01 1.41 -1.18
N SER A 75 9.91 0.73 -1.47
CA SER A 75 9.70 0.15 -2.81
C SER A 75 8.84 1.03 -3.71
N LEU A 76 8.15 1.97 -3.10
CA LEU A 76 7.29 2.85 -3.88
C LEU A 76 7.10 4.20 -3.18
N ASN A 77 7.06 5.25 -3.98
CA ASN A 77 6.81 6.59 -3.48
C ASN A 77 6.37 7.31 -4.74
N GLU A 78 5.13 7.02 -5.12
CA GLU A 78 4.49 7.54 -6.31
C GLU A 78 3.67 8.79 -6.02
N PRO A 79 4.01 9.91 -6.68
CA PRO A 79 3.28 11.16 -6.47
C PRO A 79 1.80 11.09 -6.84
N ALA A 80 1.47 10.22 -7.81
CA ALA A 80 0.09 10.07 -8.27
C ALA A 80 -0.48 11.40 -8.77
N VAL A 81 0.37 12.18 -9.44
CA VAL A 81 -0.03 13.47 -9.98
C VAL A 81 -0.57 13.29 -11.40
N ASP A 82 -0.07 12.29 -12.10
CA ASP A 82 -0.52 12.03 -13.46
C ASP A 82 -2.02 11.76 -13.52
N GLY A 83 -2.71 12.55 -14.36
CA GLY A 83 -4.15 12.40 -14.51
C GLY A 83 -5.00 13.21 -13.56
N LEU A 84 -4.38 13.79 -12.54
CA LEU A 84 -5.08 14.60 -11.54
C LEU A 84 -5.50 15.94 -12.16
N PRO A 85 -6.76 16.37 -11.93
CA PRO A 85 -7.19 17.66 -12.50
C PRO A 85 -6.29 18.74 -11.90
N ALA A 86 -5.86 19.70 -12.72
CA ALA A 86 -4.99 20.77 -12.25
C ALA A 86 -5.58 21.46 -11.03
N ALA A 87 -6.91 21.41 -10.92
CA ALA A 87 -7.59 22.04 -9.80
C ALA A 87 -7.18 21.46 -8.45
N GLY A 88 -6.75 20.20 -8.45
CA GLY A 88 -6.34 19.57 -7.20
C GLY A 88 -4.86 19.67 -6.89
N ALA A 89 -4.12 20.37 -7.75
CA ALA A 89 -2.69 20.51 -7.55
C ALA A 89 -2.31 21.00 -6.15
N ALA A 90 -3.09 21.94 -5.61
CA ALA A 90 -2.80 22.50 -4.28
C ALA A 90 -2.71 21.48 -3.16
N HIS A 91 -3.53 20.44 -3.21
CA HIS A 91 -3.52 19.43 -2.15
C HIS A 91 -2.98 18.08 -2.60
N ALA A 92 -2.40 18.03 -3.79
CA ALA A 92 -1.85 16.80 -4.33
C ALA A 92 -0.82 16.18 -3.38
N GLU A 93 -0.16 17.04 -2.61
CA GLU A 93 0.88 16.62 -1.66
C GLU A 93 0.33 15.79 -0.48
N TYR A 94 -0.99 15.77 -0.32
CA TYR A 94 -1.62 15.00 0.75
C TYR A 94 -1.98 13.63 0.23
N SER A 95 -1.79 13.43 -1.07
CA SER A 95 -2.10 12.17 -1.71
C SER A 95 -0.81 11.42 -2.09
N GLY A 96 -0.85 10.67 -3.18
CA GLY A 96 0.31 9.91 -3.59
C GLY A 96 0.26 8.53 -2.94
N LEU A 97 1.25 7.70 -3.26
CA LEU A 97 1.33 6.35 -2.74
C LEU A 97 2.76 6.00 -2.32
N CYS A 98 2.90 5.41 -1.14
CA CYS A 98 4.22 5.03 -0.66
C CYS A 98 4.14 3.64 -0.01
N ASP A 99 5.09 2.78 -0.34
CA ASP A 99 5.15 1.43 0.21
C ASP A 99 6.57 1.24 0.74
N LYS A 100 6.67 0.97 2.04
CA LYS A 100 7.96 0.78 2.69
C LYS A 100 7.92 -0.41 3.64
N LEU A 101 9.06 -1.07 3.81
CA LEU A 101 9.16 -2.18 4.75
C LEU A 101 10.08 -1.62 5.83
N MET A 102 9.65 -1.72 7.09
CA MET A 102 10.43 -1.20 8.19
C MET A 102 10.95 -2.31 9.09
N ILE A 103 12.23 -2.23 9.44
CA ILE A 103 12.82 -3.24 10.30
C ILE A 103 13.39 -2.58 11.56
N VAL A 104 12.84 -2.96 12.70
CA VAL A 104 13.24 -2.41 13.99
C VAL A 104 13.67 -3.55 14.91
N HIS A 105 14.89 -3.47 15.41
CA HIS A 105 15.39 -4.52 16.29
C HIS A 105 14.81 -4.44 17.69
N PRO A 106 14.97 -5.52 18.48
CA PRO A 106 14.43 -5.56 19.85
C PRO A 106 14.73 -4.36 20.73
N GLY A 107 13.67 -3.72 21.21
CA GLY A 107 13.80 -2.57 22.09
C GLY A 107 14.04 -1.21 21.44
N LYS A 108 14.27 -1.20 20.13
CA LYS A 108 14.52 0.04 19.40
C LYS A 108 13.20 0.68 18.97
N PHE A 109 13.24 1.98 18.72
CA PHE A 109 12.05 2.77 18.35
C PHE A 109 12.17 3.60 17.07
N CYS A 110 11.00 4.02 16.59
CA CYS A 110 10.87 4.97 15.51
C CYS A 110 10.35 6.04 16.48
N PRO A 111 11.11 7.13 16.69
CA PRO A 111 10.78 8.24 17.60
C PRO A 111 9.51 9.06 17.38
N PRO A 112 9.03 9.72 18.45
CA PRO A 112 7.82 10.55 18.41
C PRO A 112 7.95 11.61 17.31
N HIS A 113 6.92 11.68 16.47
CA HIS A 113 6.89 12.65 15.38
C HIS A 113 5.50 12.66 14.79
N PHE A 114 5.26 13.57 13.85
CA PHE A 114 3.98 13.62 13.17
C PHE A 114 4.22 14.15 11.77
N HIS A 115 3.25 13.92 10.89
CA HIS A 115 3.33 14.37 9.49
C HIS A 115 2.18 15.32 9.24
N GLN A 116 2.44 16.40 8.53
CA GLN A 116 1.38 17.35 8.22
C GLN A 116 0.49 16.80 7.10
N ARG A 117 1.15 16.15 6.15
CA ARG A 117 0.45 15.63 4.97
C ARG A 117 0.25 14.11 4.89
N LYS A 118 1.22 13.35 5.36
CA LYS A 118 1.17 11.90 5.28
C LYS A 118 0.31 11.10 6.24
N THR A 119 -0.58 10.31 5.67
CA THR A 119 -1.43 9.42 6.45
C THR A 119 -0.83 8.05 6.17
N GLU A 120 -0.64 7.25 7.21
CA GLU A 120 -0.05 5.93 7.01
C GLU A 120 -0.83 4.76 7.63
N SER A 121 -0.46 3.55 7.24
CA SER A 121 -1.09 2.33 7.75
C SER A 121 0.00 1.32 8.03
N TYR A 122 -0.24 0.46 9.02
CA TYR A 122 0.75 -0.56 9.38
C TYR A 122 0.23 -1.98 9.23
N GLU A 123 1.13 -2.85 8.79
CA GLU A 123 0.84 -4.27 8.61
C GLU A 123 2.06 -4.99 9.20
N VAL A 124 1.90 -5.59 10.37
CA VAL A 124 3.02 -6.30 10.97
C VAL A 124 3.24 -7.60 10.20
N VAL A 125 4.47 -7.84 9.78
CA VAL A 125 4.79 -9.05 9.02
C VAL A 125 5.51 -10.07 9.91
N LEU A 126 6.43 -9.60 10.73
CA LEU A 126 7.18 -10.47 11.62
C LEU A 126 7.33 -9.74 12.96
N GLY A 127 7.26 -10.48 14.05
CA GLY A 127 7.40 -9.89 15.38
C GLY A 127 6.13 -9.19 15.81
N GLU A 128 6.26 -8.27 16.75
CA GLU A 128 5.13 -7.50 17.25
C GLU A 128 5.51 -6.02 17.31
N MET A 129 4.52 -5.16 17.12
CA MET A 129 4.76 -3.73 17.11
C MET A 129 3.95 -2.99 18.16
N GLU A 130 4.62 -2.22 19.00
CA GLU A 130 3.95 -1.44 20.04
C GLU A 130 3.92 0.00 19.58
N VAL A 131 2.72 0.50 19.35
CA VAL A 131 2.53 1.86 18.88
C VAL A 131 2.05 2.78 19.99
N PHE A 132 2.72 3.92 20.12
CA PHE A 132 2.38 4.93 21.11
C PHE A 132 1.93 6.14 20.31
N TYR A 133 0.77 6.69 20.63
CA TYR A 133 0.29 7.82 19.85
C TYR A 133 -0.71 8.73 20.59
N ALA A 134 -0.98 9.88 19.97
CA ALA A 134 -1.92 10.84 20.51
C ALA A 134 -3.20 10.79 19.65
N PRO A 135 -4.34 10.48 20.28
CA PRO A 135 -5.64 10.39 19.61
C PRO A 135 -6.16 11.73 19.08
N GLU A 136 -5.69 12.83 19.66
CA GLU A 136 -6.13 14.15 19.23
C GLU A 136 -5.10 14.77 18.28
N PRO A 137 -5.53 15.17 17.08
CA PRO A 137 -4.63 15.76 16.10
C PRO A 137 -4.24 17.21 16.37
N VAL A 138 -3.16 17.64 15.75
CA VAL A 138 -2.69 19.00 15.88
C VAL A 138 -3.24 19.73 14.66
N THR A 139 -3.12 21.05 14.64
CA THR A 139 -3.61 21.83 13.51
C THR A 139 -2.41 22.48 12.82
N VAL A 140 -2.26 22.22 11.52
CA VAL A 140 -1.16 22.81 10.75
C VAL A 140 -1.74 23.58 9.59
N GLY A 141 -1.32 24.83 9.46
CA GLY A 141 -1.82 25.67 8.38
C GLY A 141 -3.23 26.12 8.70
N ASP A 142 -4.15 25.88 7.78
CA ASP A 142 -5.55 26.27 7.97
C ASP A 142 -6.24 25.36 8.98
N ASP A 143 -7.04 25.98 9.86
CA ASP A 143 -7.77 25.24 10.88
C ASP A 143 -8.93 24.41 10.33
N ASP A 144 -9.40 24.75 9.13
CA ASP A 144 -10.51 24.03 8.54
C ASP A 144 -10.09 22.72 7.88
N VAL A 145 -10.37 21.62 8.56
CA VAL A 145 -10.01 20.30 8.06
C VAL A 145 -11.19 19.35 8.13
N LEU A 146 -11.18 18.35 7.27
CA LEU A 146 -12.24 17.35 7.21
C LEU A 146 -12.06 16.31 8.31
N SER A 147 -13.13 15.59 8.61
CA SER A 147 -13.10 14.57 9.64
C SER A 147 -14.06 13.45 9.27
N PHE A 148 -13.65 12.21 9.51
CA PHE A 148 -14.49 11.07 9.19
C PHE A 148 -14.33 9.94 10.19
N SER A 149 -13.12 9.40 10.26
CA SER A 149 -12.83 8.29 11.17
C SER A 149 -11.73 8.66 12.17
N PRO A 150 -12.06 9.50 13.16
CA PRO A 150 -11.10 9.93 14.18
C PRO A 150 -10.31 8.79 14.79
N MET A 151 -9.05 9.05 15.13
CA MET A 151 -8.18 8.03 15.72
C MET A 151 -8.79 7.38 16.95
N PRO A 152 -8.69 6.04 17.04
CA PRO A 152 -9.25 5.33 18.20
C PRO A 152 -8.49 5.66 19.48
N GLU A 153 -9.15 5.40 20.60
CA GLU A 153 -8.64 5.65 21.94
C GLU A 153 -7.56 4.66 22.39
N GLY A 154 -7.55 3.47 21.79
CA GLY A 154 -6.56 2.48 22.18
C GLY A 154 -6.59 2.20 23.67
N SER A 155 -5.43 1.87 24.24
CA SER A 155 -5.32 1.56 25.65
C SER A 155 -4.21 2.35 26.31
N PRO A 156 -4.13 2.28 27.65
CA PRO A 156 -3.05 3.01 28.32
C PRO A 156 -1.79 2.21 28.05
N TRP A 157 -0.63 2.75 28.41
CA TRP A 157 0.64 2.04 28.22
C TRP A 157 0.74 0.81 29.13
N PRO A 158 1.44 -0.23 28.67
CA PRO A 158 1.57 -1.41 29.55
C PRO A 158 2.76 -1.06 30.43
N GLU A 159 3.00 -1.81 31.50
CA GLU A 159 4.14 -1.51 32.34
C GLU A 159 5.43 -2.04 31.73
N GLY A 160 6.56 -1.57 32.23
CA GLY A 160 7.84 -2.05 31.74
C GLY A 160 8.39 -1.56 30.43
N VAL A 161 7.85 -0.49 29.85
CA VAL A 161 8.39 -0.01 28.58
C VAL A 161 9.67 0.81 28.84
N ALA A 162 10.77 0.40 28.23
CA ALA A 162 12.02 1.13 28.39
C ALA A 162 12.18 2.15 27.27
N LEU A 163 12.24 3.43 27.64
CA LEU A 163 12.39 4.52 26.68
C LEU A 163 13.86 4.94 26.56
N PRO A 164 14.24 5.51 25.40
CA PRO A 164 15.63 5.94 25.18
C PRO A 164 16.13 6.98 26.17
N ALA A 165 17.36 6.82 26.61
CA ALA A 165 17.98 7.74 27.58
C ALA A 165 18.04 9.17 27.04
N GLY A 166 17.46 10.10 27.77
CA GLY A 166 17.46 11.49 27.35
C GLY A 166 16.35 11.86 26.40
N ARG A 167 15.48 10.90 26.08
CA ARG A 167 14.36 11.13 25.16
C ARG A 167 13.02 10.78 25.80
N GLU A 168 13.04 10.38 27.08
CA GLU A 168 11.83 9.97 27.77
C GLU A 168 10.63 10.92 27.64
N ASP A 169 10.84 12.20 27.92
CA ASP A 169 9.76 13.15 27.86
C ASP A 169 9.17 13.45 26.49
N SER A 170 9.89 13.10 25.42
CA SER A 170 9.36 13.32 24.09
C SER A 170 8.19 12.35 23.85
N TYR A 171 8.06 11.35 24.74
CA TYR A 171 6.96 10.37 24.65
C TYR A 171 5.78 10.75 25.54
N ALA A 172 5.92 11.82 26.30
CA ALA A 172 4.85 12.24 27.21
C ALA A 172 3.49 12.43 26.54
N GLY A 173 3.49 13.02 25.35
CA GLY A 173 2.25 13.28 24.64
C GLY A 173 1.63 12.11 23.89
N LEU A 174 2.30 10.98 23.81
CA LEU A 174 1.76 9.82 23.10
C LEU A 174 1.17 8.85 24.12
N THR A 175 0.03 9.25 24.69
CA THR A 175 -0.64 8.48 25.73
C THR A 175 -1.44 7.24 25.35
N SER A 176 -1.85 7.11 24.10
CA SER A 176 -2.59 5.91 23.71
C SER A 176 -1.62 4.84 23.25
N TYR A 177 -2.01 3.59 23.45
CA TYR A 177 -1.16 2.46 23.10
C TYR A 177 -1.94 1.34 22.43
N VAL A 178 -1.30 0.68 21.48
CA VAL A 178 -1.90 -0.45 20.80
C VAL A 178 -0.77 -1.39 20.44
N ARG A 179 -0.98 -2.69 20.62
CA ARG A 179 0.03 -3.67 20.27
C ARG A 179 -0.45 -4.43 19.04
N LEU A 180 0.33 -4.37 17.96
CA LEU A 180 -0.06 -5.02 16.72
C LEU A 180 0.72 -6.29 16.43
N ARG A 181 0.00 -7.29 15.94
CA ARG A 181 0.59 -8.58 15.61
C ARG A 181 0.30 -8.94 14.15
N ALA A 182 1.03 -9.91 13.62
CA ALA A 182 0.84 -10.35 12.24
C ALA A 182 -0.56 -10.91 12.11
N GLY A 183 -1.28 -10.46 11.07
CA GLY A 183 -2.62 -10.95 10.84
C GLY A 183 -3.73 -10.06 11.35
N ASP A 184 -3.38 -9.05 12.15
CA ASP A 184 -4.37 -8.13 12.68
C ASP A 184 -4.84 -7.21 11.56
N PRO A 185 -5.97 -6.52 11.78
CA PRO A 185 -6.47 -5.60 10.75
C PRO A 185 -5.43 -4.49 10.59
N LYS A 186 -5.41 -3.85 9.42
CA LYS A 186 -4.48 -2.75 9.15
C LYS A 186 -4.75 -1.65 10.16
N PHE A 187 -3.70 -1.03 10.68
CA PHE A 187 -3.87 0.04 11.64
C PHE A 187 -3.56 1.36 10.93
N VAL A 188 -4.51 2.28 10.93
CA VAL A 188 -4.32 3.56 10.28
C VAL A 188 -3.90 4.66 11.24
N MET A 189 -2.86 5.40 10.87
CA MET A 189 -2.36 6.50 11.65
C MET A 189 -2.59 7.75 10.82
N HIS A 190 -3.68 8.46 11.11
CA HIS A 190 -4.01 9.66 10.36
C HIS A 190 -2.95 10.76 10.48
N ARG A 191 -2.86 11.56 9.43
CA ARG A 191 -1.90 12.66 9.40
C ARG A 191 -2.19 13.61 10.57
N LYS A 192 -1.17 14.35 10.99
CA LYS A 192 -1.28 15.30 12.10
C LYS A 192 -1.54 14.66 13.47
N HIS A 193 -1.02 13.44 13.65
CA HIS A 193 -1.14 12.74 14.91
C HIS A 193 0.26 12.32 15.33
N LEU A 194 0.62 12.61 16.58
CA LEU A 194 1.92 12.23 17.10
C LEU A 194 1.91 10.72 17.25
N HIS A 195 3.00 10.08 16.85
CA HIS A 195 3.08 8.64 16.98
C HIS A 195 4.52 8.15 17.03
N ALA A 196 4.70 6.94 17.53
CA ALA A 196 6.00 6.30 17.65
C ALA A 196 5.72 4.83 17.84
N PHE A 197 6.74 4.00 17.71
CA PHE A 197 6.54 2.58 17.91
C PHE A 197 7.88 1.91 18.17
N ARG A 198 7.84 0.76 18.81
CA ARG A 198 9.07 0.04 19.08
C ARG A 198 8.82 -1.44 18.91
N CYS A 199 9.91 -2.19 18.92
CA CYS A 199 9.85 -3.64 18.85
C CYS A 199 10.07 -4.02 20.32
N PRO A 200 9.19 -4.86 20.89
CA PRO A 200 9.35 -5.27 22.30
C PRO A 200 10.79 -5.66 22.57
N ALA A 201 11.35 -5.17 23.66
CA ALA A 201 12.74 -5.46 24.02
C ALA A 201 13.05 -6.94 24.15
N ASP A 202 12.02 -7.72 24.48
CA ASP A 202 12.20 -9.15 24.67
C ASP A 202 11.89 -9.98 23.42
N SER A 203 11.70 -9.32 22.28
CA SER A 203 11.37 -10.04 21.06
C SER A 203 12.48 -10.94 20.55
N PRO A 204 12.12 -12.14 20.08
CA PRO A 204 13.11 -13.09 19.56
C PRO A 204 13.59 -12.70 18.16
N VAL A 205 12.80 -11.86 17.48
CA VAL A 205 13.13 -11.43 16.14
C VAL A 205 12.95 -9.93 15.93
N PRO A 206 13.55 -9.38 14.87
CA PRO A 206 13.41 -7.95 14.59
C PRO A 206 11.95 -7.74 14.17
N LEU A 207 11.42 -6.56 14.42
CA LEU A 207 10.05 -6.27 13.99
C LEU A 207 10.12 -5.91 12.51
N VAL A 208 9.22 -6.48 11.72
CA VAL A 208 9.16 -6.19 10.29
C VAL A 208 7.74 -5.76 9.99
N VAL A 209 7.57 -4.51 9.56
CA VAL A 209 6.24 -4.02 9.26
C VAL A 209 6.17 -3.30 7.92
N ARG A 210 5.07 -3.53 7.21
CA ARG A 210 4.87 -2.87 5.93
C ARG A 210 4.04 -1.60 6.12
N GLU A 211 4.55 -0.50 5.60
CA GLU A 211 3.84 0.75 5.72
C GLU A 211 3.30 1.14 4.37
N VAL A 212 2.01 1.42 4.33
CA VAL A 212 1.36 1.86 3.11
C VAL A 212 0.81 3.22 3.48
N SER A 213 1.32 4.24 2.80
CA SER A 213 0.90 5.60 3.11
C SER A 213 0.79 6.46 1.86
N THR A 214 0.44 7.72 2.07
CA THR A 214 0.37 8.66 0.99
C THR A 214 1.84 9.04 0.75
N TYR A 215 2.11 9.89 -0.24
CA TYR A 215 3.48 10.27 -0.57
C TYR A 215 4.34 10.71 0.62
N SER A 216 5.58 10.24 0.60
CA SER A 216 6.56 10.52 1.64
C SER A 216 7.53 11.64 1.22
N HIS A 217 7.30 12.85 1.71
CA HIS A 217 8.15 13.99 1.40
C HIS A 217 9.36 13.97 2.32
N GLU A 218 10.51 13.60 1.77
CA GLU A 218 11.73 13.54 2.57
C GLU A 218 12.91 14.01 1.71
N PRO A 219 13.20 15.31 1.75
CA PRO A 219 14.30 15.91 0.98
C PRO A 219 15.59 15.10 1.05
N THR A 220 16.05 14.63 -0.11
CA THR A 220 17.28 13.85 -0.21
C THR A 220 18.47 14.79 -0.42
N GLU A 221 19.61 14.40 0.14
CA GLU A 221 20.84 15.18 0.02
C GLU A 221 21.06 15.64 -1.41
N ALA A 228 10.77 17.42 -9.44
CA ALA A 228 9.69 17.58 -8.47
C ALA A 228 8.35 17.40 -9.16
N PRO A 229 7.48 16.53 -8.60
CA PRO A 229 6.15 16.26 -9.17
C PRO A 229 5.44 17.56 -9.51
N LEU A 230 5.49 18.49 -8.57
CA LEU A 230 4.88 19.82 -8.71
C LEU A 230 5.88 20.80 -8.10
N PRO A 231 5.85 22.06 -8.54
CA PRO A 231 6.77 23.06 -7.99
C PRO A 231 6.72 23.25 -6.48
N GLN A 232 5.51 23.29 -5.91
CA GLN A 232 5.36 23.47 -4.47
C GLN A 232 5.82 22.27 -3.63
N TRP A 233 6.26 21.20 -4.29
CA TRP A 233 6.72 20.00 -3.60
C TRP A 233 8.23 20.02 -3.35
N ARG A 234 8.93 20.90 -4.04
CA ARG A 234 10.38 21.00 -3.90
C ARG A 234 10.79 21.43 -2.50
N GLY A 235 11.72 20.69 -1.91
CA GLY A 235 12.21 21.01 -0.57
C GLY A 235 11.20 20.83 0.54
N LEU A 236 10.12 20.10 0.27
CA LEU A 236 9.08 19.88 1.28
C LEU A 236 9.54 18.88 2.34
N HIS A 237 9.43 19.29 3.61
CA HIS A 237 9.81 18.44 4.75
C HIS A 237 8.48 18.11 5.43
N ASP A 238 8.12 16.84 5.47
CA ASP A 238 6.85 16.46 6.06
C ASP A 238 6.95 15.68 7.39
N ASN A 239 8.13 15.67 7.99
CA ASN A 239 8.33 14.97 9.25
C ASN A 239 8.72 15.94 10.36
N THR A 240 7.89 16.04 11.40
CA THR A 240 8.19 16.91 12.54
C THR A 240 8.40 16.07 13.79
N PHE A 241 9.65 16.03 14.26
CA PHE A 241 9.97 15.24 15.46
C PHE A 241 9.82 16.05 16.74
N VAL A 242 9.40 15.38 17.80
CA VAL A 242 9.23 16.04 19.10
C VAL A 242 10.61 16.41 19.65
N ALA A 243 11.48 15.43 19.76
CA ALA A 243 12.83 15.69 20.24
C ALA A 243 13.60 16.40 19.14
N GLU A 244 14.02 17.63 19.39
CA GLU A 244 14.76 18.39 18.41
C GLU A 244 16.01 17.65 17.94
N ALA A 245 16.62 16.89 18.84
CA ALA A 245 17.83 16.13 18.52
C ALA A 245 17.64 15.10 17.42
N ALA A 246 16.45 14.52 17.33
CA ALA A 246 16.15 13.52 16.31
C ALA A 246 15.62 14.16 15.03
N ASN A 247 15.03 15.34 15.17
CA ASN A 247 14.45 16.06 14.04
C ASN A 247 15.55 16.44 13.05
N SER A 248 16.80 16.30 13.50
CA SER A 248 17.95 16.63 12.68
C SER A 248 18.57 15.40 12.03
N GLY A 249 18.91 14.41 12.86
CA GLY A 249 19.52 13.19 12.37
C GLY A 249 18.78 12.45 11.27
N ARG A 250 17.46 12.50 11.29
CA ARG A 250 16.64 11.83 10.29
C ARG A 250 17.18 12.05 8.88
N LEU A 251 17.83 13.19 8.67
CA LEU A 251 18.39 13.53 7.36
C LEU A 251 19.40 12.54 6.77
N ALA A 252 20.66 12.62 7.19
CA ALA A 252 21.69 11.73 6.66
C ALA A 252 22.29 10.79 7.71
N THR A 253 22.97 9.74 7.25
CA THR A 253 23.59 8.77 8.16
C THR A 253 25.12 8.83 8.13
N ALA A 254 25.71 9.11 9.28
CA ALA A 254 27.16 9.22 9.40
C ALA A 254 27.82 7.85 9.40
N ILE A 255 28.42 7.48 8.27
CA ILE A 255 29.08 6.19 8.15
C ILE A 255 30.59 6.40 8.06
N ALA A 256 31.32 5.71 8.92
CA ALA A 256 32.78 5.80 8.94
C ALA A 256 33.40 4.54 8.35
N THR B 9 -26.72 -22.44 -19.92
CA THR B 9 -25.61 -21.54 -19.51
C THR B 9 -25.71 -21.22 -18.03
N ARG B 10 -24.57 -21.16 -17.34
CA ARG B 10 -24.53 -20.86 -15.92
C ARG B 10 -24.98 -19.43 -15.65
N THR B 11 -25.87 -19.26 -14.67
CA THR B 11 -26.37 -17.93 -14.34
C THR B 11 -25.98 -17.52 -12.92
N ALA B 12 -25.31 -18.42 -12.22
CA ALA B 12 -24.88 -18.17 -10.85
C ALA B 12 -23.85 -19.19 -10.42
N ILE B 13 -23.24 -18.96 -9.27
CA ILE B 13 -22.27 -19.90 -8.74
C ILE B 13 -22.92 -20.55 -7.52
N SER B 14 -22.68 -21.83 -7.32
CA SER B 14 -23.28 -22.53 -6.19
C SER B 14 -22.58 -22.12 -4.90
N ARG B 15 -23.27 -22.25 -3.78
CA ARG B 15 -22.69 -21.90 -2.49
C ARG B 15 -21.40 -22.69 -2.27
N ARG B 16 -21.41 -23.96 -2.65
CA ARG B 16 -20.23 -24.80 -2.49
C ARG B 16 -19.05 -24.29 -3.33
N GLU B 17 -19.31 -24.02 -4.61
CA GLU B 17 -18.26 -23.52 -5.50
C GLU B 17 -17.70 -22.21 -4.97
N TYR B 18 -18.60 -21.37 -4.44
CA TYR B 18 -18.16 -20.08 -3.92
C TYR B 18 -17.33 -20.23 -2.64
N ASP B 19 -17.84 -20.99 -1.68
CA ASP B 19 -17.11 -21.18 -0.43
C ASP B 19 -15.75 -21.84 -0.63
N GLU B 20 -15.65 -22.77 -1.58
CA GLU B 20 -14.37 -23.41 -1.83
C GLU B 20 -13.44 -22.39 -2.47
N TRP B 21 -13.95 -21.67 -3.47
CA TRP B 21 -13.19 -20.63 -4.16
C TRP B 21 -12.60 -19.66 -3.14
N LEU B 22 -13.46 -19.02 -2.34
CA LEU B 22 -12.98 -18.07 -1.36
C LEU B 22 -12.14 -18.66 -0.22
N SER B 23 -12.44 -19.90 0.17
CA SER B 23 -11.69 -20.53 1.23
C SER B 23 -10.26 -20.84 0.81
N GLU B 24 -10.08 -21.37 -0.38
CA GLU B 24 -8.74 -21.68 -0.89
C GLU B 24 -7.96 -20.40 -1.18
N ALA B 25 -8.66 -19.34 -1.58
CA ALA B 25 -8.00 -18.06 -1.86
C ALA B 25 -7.50 -17.46 -0.55
N ALA B 26 -8.34 -17.50 0.49
CA ALA B 26 -7.95 -16.97 1.78
C ALA B 26 -6.79 -17.78 2.37
N SER B 27 -6.80 -19.09 2.16
CA SER B 27 -5.74 -19.96 2.68
C SER B 27 -4.43 -19.63 2.00
N LEU B 28 -4.49 -19.51 0.67
CA LEU B 28 -3.30 -19.19 -0.11
C LEU B 28 -2.77 -17.83 0.33
N ALA B 29 -3.68 -16.90 0.61
CA ALA B 29 -3.32 -15.56 1.03
C ALA B 29 -2.62 -15.59 2.38
N ARG B 30 -3.21 -16.32 3.33
CA ARG B 30 -2.64 -16.45 4.66
C ARG B 30 -1.28 -17.11 4.58
N ALA B 31 -1.13 -18.08 3.69
CA ALA B 31 0.14 -18.77 3.53
C ALA B 31 1.23 -17.78 3.12
N LEU B 32 0.86 -16.83 2.27
CA LEU B 32 1.78 -15.82 1.77
C LEU B 32 1.90 -14.65 2.75
N ARG B 33 1.29 -14.82 3.92
CA ARG B 33 1.35 -13.82 4.99
C ARG B 33 0.50 -12.55 4.79
N TYR B 34 -0.48 -12.59 3.87
CA TYR B 34 -1.33 -11.42 3.70
C TYR B 34 -2.31 -11.44 4.87
N PRO B 35 -2.54 -10.27 5.51
CA PRO B 35 -3.45 -10.17 6.65
C PRO B 35 -4.94 -10.32 6.32
N VAL B 36 -5.44 -11.56 6.38
CA VAL B 36 -6.84 -11.82 6.08
C VAL B 36 -7.70 -11.91 7.34
N THR B 37 -8.72 -11.06 7.42
CA THR B 37 -9.63 -11.09 8.55
C THR B 37 -10.91 -11.76 8.09
N PRO B 38 -11.69 -12.34 9.03
CA PRO B 38 -12.94 -13.02 8.67
C PRO B 38 -13.88 -12.14 7.85
N GLU B 39 -13.92 -10.86 8.17
CA GLU B 39 -14.77 -9.94 7.44
C GLU B 39 -14.33 -9.73 5.99
N MET B 40 -13.06 -10.02 5.70
CA MET B 40 -12.56 -9.85 4.34
C MET B 40 -13.03 -10.97 3.42
N VAL B 41 -13.38 -12.09 4.01
CA VAL B 41 -13.87 -13.24 3.26
C VAL B 41 -15.39 -13.19 3.28
N ASN B 42 -15.97 -12.50 2.30
CA ASN B 42 -17.41 -12.35 2.23
C ASN B 42 -17.98 -12.69 0.85
N ASP B 43 -19.30 -12.60 0.72
CA ASP B 43 -19.98 -12.91 -0.53
C ASP B 43 -19.83 -11.89 -1.65
N SER B 44 -18.96 -10.90 -1.47
CA SER B 44 -18.73 -9.88 -2.47
C SER B 44 -17.28 -9.91 -2.97
N ALA B 45 -16.46 -10.74 -2.32
CA ALA B 45 -15.05 -10.85 -2.66
C ALA B 45 -14.78 -11.66 -3.93
N GLY B 46 -15.66 -12.62 -4.21
CA GLY B 46 -15.51 -13.42 -5.42
C GLY B 46 -16.25 -12.64 -6.48
N ILE B 47 -15.52 -12.13 -7.49
CA ILE B 47 -16.15 -11.32 -8.51
C ILE B 47 -16.31 -11.96 -9.89
N VAL B 48 -17.50 -11.77 -10.49
CA VAL B 48 -17.82 -12.30 -11.81
C VAL B 48 -18.27 -11.09 -12.61
N PHE B 49 -17.43 -10.66 -13.53
CA PHE B 49 -17.69 -9.46 -14.34
C PHE B 49 -18.69 -9.61 -15.49
N GLY B 50 -19.96 -9.78 -15.14
CA GLY B 50 -20.97 -9.93 -16.17
C GLY B 50 -21.61 -11.29 -16.10
N ASP B 51 -22.92 -11.35 -16.28
CA ASP B 51 -23.63 -12.61 -16.20
C ASP B 51 -23.16 -13.71 -17.16
N ASP B 52 -22.59 -13.33 -18.29
CA ASP B 52 -22.11 -14.34 -19.23
C ASP B 52 -20.77 -14.94 -18.76
N GLN B 53 -20.23 -14.40 -17.68
CA GLN B 53 -18.96 -14.88 -17.15
C GLN B 53 -19.13 -15.93 -16.07
N TYR B 54 -20.38 -16.19 -15.68
CA TYR B 54 -20.65 -17.21 -14.68
C TYR B 54 -20.33 -18.57 -15.30
N GLU B 55 -20.23 -18.59 -16.62
CA GLU B 55 -19.92 -19.81 -17.36
C GLU B 55 -18.52 -20.32 -16.99
N ALA B 56 -17.74 -19.47 -16.33
CA ALA B 56 -16.40 -19.85 -15.89
C ALA B 56 -16.51 -21.01 -14.91
N PHE B 57 -17.63 -21.10 -14.23
CA PHE B 57 -17.83 -22.17 -13.25
C PHE B 57 -18.46 -23.44 -13.80
N ALA B 58 -18.70 -23.44 -15.11
CA ALA B 58 -19.25 -24.64 -15.75
C ALA B 58 -18.14 -25.69 -15.69
N HIS B 59 -16.91 -25.26 -16.02
CA HIS B 59 -15.76 -26.16 -16.00
C HIS B 59 -14.84 -25.94 -14.80
N GLY B 60 -14.96 -24.78 -14.15
CA GLY B 60 -14.13 -24.52 -12.98
C GLY B 60 -12.92 -23.62 -13.16
N LEU B 61 -12.38 -23.17 -12.02
CA LEU B 61 -11.24 -22.26 -12.00
C LEU B 61 -9.90 -22.87 -12.43
N TRP B 62 -9.87 -24.17 -12.69
CA TRP B 62 -8.64 -24.80 -13.13
C TRP B 62 -8.78 -25.37 -14.55
N SER B 63 -9.81 -24.90 -15.26
CA SER B 63 -10.06 -25.34 -16.64
C SER B 63 -9.06 -24.64 -17.56
N ARG B 64 -8.49 -23.55 -17.06
CA ARG B 64 -7.53 -22.75 -17.80
C ARG B 64 -8.18 -22.03 -18.98
N GLU B 65 -9.51 -21.92 -18.93
CA GLU B 65 -10.27 -21.24 -19.96
C GLU B 65 -10.32 -19.74 -19.70
N PRO B 66 -10.45 -18.93 -20.76
CA PRO B 66 -10.51 -17.46 -20.68
C PRO B 66 -11.85 -16.87 -20.21
N TYR B 67 -11.85 -16.38 -18.98
CA TYR B 67 -13.03 -15.76 -18.40
C TYR B 67 -12.59 -14.61 -17.51
N GLU B 68 -13.50 -13.68 -17.26
CA GLU B 68 -13.21 -12.52 -16.43
C GLU B 68 -13.87 -12.72 -15.07
N VAL B 69 -13.10 -13.28 -14.15
CA VAL B 69 -13.56 -13.54 -12.79
C VAL B 69 -12.33 -13.54 -11.89
N MET B 70 -12.49 -13.13 -10.64
CA MET B 70 -11.36 -13.08 -9.72
C MET B 70 -11.82 -12.91 -8.28
N VAL B 71 -10.87 -12.98 -7.38
CA VAL B 71 -11.10 -12.79 -5.96
C VAL B 71 -10.30 -11.59 -5.51
N ILE B 72 -10.92 -10.75 -4.69
CA ILE B 72 -10.24 -9.59 -4.16
C ILE B 72 -10.41 -9.64 -2.66
N LEU B 73 -9.28 -9.68 -1.96
CA LEU B 73 -9.28 -9.69 -0.50
C LEU B 73 -8.79 -8.28 -0.18
N GLU B 74 -9.70 -7.42 0.28
CA GLU B 74 -9.34 -6.05 0.57
C GLU B 74 -9.05 -5.83 2.04
N SER B 75 -7.78 -5.57 2.38
CA SER B 75 -7.41 -5.34 3.77
C SER B 75 -7.49 -3.87 4.16
N LEU B 76 -7.57 -3.00 3.16
CA LEU B 76 -7.60 -1.57 3.44
C LEU B 76 -8.23 -0.72 2.33
N ASN B 77 -9.08 0.21 2.74
CA ASN B 77 -9.68 1.15 1.81
C ASN B 77 -9.98 2.36 2.65
N GLU B 78 -8.90 3.07 2.98
CA GLU B 78 -8.90 4.26 3.81
C GLU B 78 -9.08 5.58 3.05
N PRO B 79 -10.16 6.33 3.38
CA PRO B 79 -10.43 7.61 2.72
C PRO B 79 -9.28 8.61 2.82
N ALA B 80 -8.63 8.63 3.98
CA ALA B 80 -7.52 9.55 4.23
C ALA B 80 -8.04 10.98 4.11
N VAL B 81 -9.28 11.17 4.58
CA VAL B 81 -9.94 12.46 4.58
C VAL B 81 -9.65 13.19 5.90
N ASP B 82 -9.48 12.44 6.98
CA ASP B 82 -9.20 13.06 8.27
C ASP B 82 -7.93 13.90 8.23
N GLY B 83 -8.05 15.16 8.64
CA GLY B 83 -6.90 16.05 8.66
C GLY B 83 -6.63 16.73 7.32
N LEU B 84 -7.42 16.39 6.31
CA LEU B 84 -7.24 17.00 4.99
C LEU B 84 -7.93 18.35 5.02
N PRO B 85 -7.22 19.41 4.58
CA PRO B 85 -7.85 20.74 4.59
C PRO B 85 -9.14 20.73 3.79
N ALA B 86 -10.18 21.38 4.31
CA ALA B 86 -11.47 21.43 3.62
C ALA B 86 -11.29 21.92 2.19
N ALA B 87 -10.32 22.81 1.99
CA ALA B 87 -10.06 23.37 0.67
C ALA B 87 -9.73 22.32 -0.37
N GLY B 88 -9.34 21.12 0.06
CA GLY B 88 -9.01 20.08 -0.87
C GLY B 88 -10.02 18.95 -0.92
N ALA B 89 -11.22 19.19 -0.40
CA ALA B 89 -12.26 18.17 -0.39
C ALA B 89 -12.69 17.76 -1.80
N ALA B 90 -12.66 18.70 -2.74
CA ALA B 90 -13.07 18.41 -4.11
C ALA B 90 -12.19 17.39 -4.85
N HIS B 91 -10.97 17.19 -4.38
CA HIS B 91 -10.08 16.23 -5.03
C HIS B 91 -9.61 15.13 -4.08
N ALA B 92 -10.34 14.96 -2.99
CA ALA B 92 -10.02 13.95 -2.01
C ALA B 92 -10.26 12.55 -2.59
N GLU B 93 -11.28 12.47 -3.44
CA GLU B 93 -11.67 11.22 -4.08
C GLU B 93 -10.57 10.63 -4.96
N TYR B 94 -9.57 11.44 -5.28
CA TYR B 94 -8.45 10.99 -6.11
C TYR B 94 -7.32 10.46 -5.21
N SER B 95 -7.50 10.60 -3.90
CA SER B 95 -6.50 10.15 -2.94
C SER B 95 -7.00 8.92 -2.18
N GLY B 96 -6.54 8.77 -0.93
CA GLY B 96 -6.94 7.64 -0.13
C GLY B 96 -5.91 6.53 -0.26
N LEU B 97 -6.12 5.45 0.49
CA LEU B 97 -5.20 4.31 0.47
C LEU B 97 -5.96 3.00 0.42
N CYS B 98 -5.66 2.18 -0.58
CA CYS B 98 -6.33 0.91 -0.72
C CYS B 98 -5.32 -0.22 -0.83
N ASP B 99 -5.52 -1.26 -0.05
CA ASP B 99 -4.61 -2.41 -0.08
C ASP B 99 -5.44 -3.67 -0.25
N LYS B 100 -5.19 -4.40 -1.31
CA LYS B 100 -5.95 -5.61 -1.55
C LYS B 100 -5.09 -6.67 -2.23
N LEU B 101 -5.42 -7.93 -1.98
CA LEU B 101 -4.71 -9.03 -2.59
C LEU B 101 -5.66 -9.54 -3.65
N MET B 102 -5.19 -9.62 -4.89
CA MET B 102 -6.01 -10.10 -5.98
C MET B 102 -5.56 -11.49 -6.36
N ILE B 103 -6.51 -12.41 -6.50
CA ILE B 103 -6.17 -13.77 -6.86
C ILE B 103 -6.88 -14.13 -8.16
N VAL B 104 -6.08 -14.42 -9.19
CA VAL B 104 -6.60 -14.76 -10.49
C VAL B 104 -6.09 -16.13 -10.93
N HIS B 105 -7.01 -17.01 -11.29
CA HIS B 105 -6.63 -18.36 -11.71
C HIS B 105 -6.11 -18.40 -13.14
N PRO B 106 -5.35 -19.46 -13.48
CA PRO B 106 -4.78 -19.63 -14.81
C PRO B 106 -5.76 -19.37 -15.94
N GLY B 107 -5.39 -18.45 -16.83
CA GLY B 107 -6.23 -18.12 -17.97
C GLY B 107 -7.29 -17.06 -17.73
N LYS B 108 -7.60 -16.77 -16.48
CA LYS B 108 -8.64 -15.79 -16.15
C LYS B 108 -8.13 -14.34 -16.18
N PHE B 109 -9.07 -13.40 -16.29
CA PHE B 109 -8.72 -11.98 -16.40
C PHE B 109 -9.45 -11.03 -15.46
N CYS B 110 -8.87 -9.85 -15.34
CA CYS B 110 -9.46 -8.71 -14.65
C CYS B 110 -9.76 -7.96 -15.97
N PRO B 111 -11.05 -7.82 -16.32
CA PRO B 111 -11.48 -7.15 -17.55
C PRO B 111 -11.03 -5.71 -17.83
N PRO B 112 -10.93 -5.36 -19.12
CA PRO B 112 -10.52 -4.03 -19.58
C PRO B 112 -11.37 -2.95 -18.92
N HIS B 113 -10.70 -1.93 -18.41
CA HIS B 113 -11.39 -0.83 -17.74
C HIS B 113 -10.38 0.25 -17.35
N PHE B 114 -10.90 1.40 -16.95
CA PHE B 114 -10.03 2.48 -16.51
C PHE B 114 -10.73 3.15 -15.33
N HIS B 115 -9.97 3.90 -14.54
CA HIS B 115 -10.53 4.61 -13.41
C HIS B 115 -10.25 6.07 -13.63
N GLN B 116 -11.25 6.90 -13.39
CA GLN B 116 -11.05 8.33 -13.57
C GLN B 116 -10.24 8.86 -12.38
N ARG B 117 -10.45 8.27 -11.22
CA ARG B 117 -9.77 8.74 -10.01
C ARG B 117 -8.65 7.89 -9.42
N LYS B 118 -8.81 6.57 -9.47
CA LYS B 118 -7.82 5.68 -8.88
C LYS B 118 -6.55 5.36 -9.66
N THR B 119 -5.42 5.51 -8.98
CA THR B 119 -4.10 5.20 -9.53
C THR B 119 -3.65 3.99 -8.71
N GLU B 120 -3.22 2.94 -9.40
CA GLU B 120 -2.81 1.70 -8.72
C GLU B 120 -1.38 1.27 -9.01
N SER B 121 -0.90 0.31 -8.22
CA SER B 121 0.46 -0.23 -8.39
C SER B 121 0.33 -1.73 -8.12
N TYR B 122 1.16 -2.53 -8.79
CA TYR B 122 1.11 -3.98 -8.63
C TYR B 122 2.40 -4.58 -8.10
N GLU B 123 2.23 -5.55 -7.21
CA GLU B 123 3.35 -6.27 -6.62
C GLU B 123 3.00 -7.75 -6.72
N VAL B 124 3.64 -8.45 -7.64
CA VAL B 124 3.36 -9.87 -7.81
C VAL B 124 3.97 -10.66 -6.68
N VAL B 125 3.14 -11.46 -6.01
CA VAL B 125 3.58 -12.27 -4.88
C VAL B 125 3.83 -13.72 -5.31
N LEU B 126 2.93 -14.25 -6.16
CA LEU B 126 3.07 -15.62 -6.62
C LEU B 126 2.62 -15.74 -8.08
N GLY B 127 3.37 -16.51 -8.86
CA GLY B 127 3.03 -16.68 -10.26
C GLY B 127 3.52 -15.48 -11.06
N GLU B 128 2.91 -15.26 -12.23
CA GLU B 128 3.31 -14.14 -13.08
C GLU B 128 2.07 -13.41 -13.57
N MET B 129 2.23 -12.11 -13.81
CA MET B 129 1.15 -11.25 -14.23
C MET B 129 1.34 -10.62 -15.61
N GLU B 130 0.41 -10.88 -16.53
CA GLU B 130 0.50 -10.30 -17.85
C GLU B 130 -0.47 -9.14 -17.86
N VAL B 131 0.08 -7.94 -18.05
CA VAL B 131 -0.70 -6.72 -18.05
C VAL B 131 -0.86 -6.16 -19.45
N PHE B 132 -2.09 -5.79 -19.80
CA PHE B 132 -2.41 -5.22 -21.10
C PHE B 132 -2.96 -3.84 -20.81
N TYR B 133 -2.46 -2.82 -21.49
CA TYR B 133 -2.92 -1.46 -21.23
C TYR B 133 -2.67 -0.50 -22.37
N ALA B 134 -3.36 0.64 -22.32
CA ALA B 134 -3.20 1.69 -23.30
C ALA B 134 -2.18 2.67 -22.72
N PRO B 135 -1.05 2.88 -23.42
CA PRO B 135 0.00 3.79 -22.96
C PRO B 135 -0.45 5.24 -22.89
N GLU B 136 -1.46 5.57 -23.70
CA GLU B 136 -2.01 6.91 -23.72
C GLU B 136 -3.25 6.90 -22.85
N PRO B 137 -3.45 7.95 -22.04
CA PRO B 137 -4.62 8.00 -21.17
C PRO B 137 -5.88 8.44 -21.91
N VAL B 138 -7.04 7.99 -21.43
CA VAL B 138 -8.29 8.38 -22.05
C VAL B 138 -8.57 9.79 -21.52
N THR B 139 -9.21 10.62 -22.33
CA THR B 139 -9.53 11.98 -21.88
C THR B 139 -10.94 12.01 -21.30
N VAL B 140 -11.03 12.05 -19.98
CA VAL B 140 -12.33 12.10 -19.31
C VAL B 140 -12.99 13.42 -19.72
N GLY B 141 -12.76 14.46 -18.93
CA GLY B 141 -13.34 15.74 -19.26
C GLY B 141 -12.52 16.38 -20.36
N ASP B 142 -11.86 17.48 -20.02
CA ASP B 142 -11.03 18.20 -20.97
C ASP B 142 -10.12 19.15 -20.20
N ASP B 143 -10.63 19.63 -19.07
CA ASP B 143 -9.91 20.55 -18.21
C ASP B 143 -8.45 20.12 -18.04
N ASP B 144 -7.61 21.08 -17.65
CA ASP B 144 -6.20 20.80 -17.45
C ASP B 144 -5.98 19.59 -16.56
N VAL B 145 -5.16 18.66 -17.04
CA VAL B 145 -4.82 17.47 -16.30
C VAL B 145 -3.31 17.53 -16.09
N LEU B 146 -2.84 17.10 -14.92
CA LEU B 146 -1.42 17.14 -14.64
C LEU B 146 -0.65 15.97 -15.25
N SER B 147 0.67 16.15 -15.36
CA SER B 147 1.57 15.15 -15.92
C SER B 147 2.91 15.18 -15.19
N PHE B 148 3.57 14.03 -15.10
CA PHE B 148 4.86 13.97 -14.44
C PHE B 148 5.70 12.81 -14.97
N SER B 149 5.12 11.62 -14.96
CA SER B 149 5.82 10.44 -15.45
C SER B 149 4.79 9.55 -16.15
N PRO B 150 4.54 9.82 -17.44
CA PRO B 150 3.58 9.06 -18.23
C PRO B 150 3.89 7.56 -18.29
N MET B 151 2.87 6.77 -18.58
CA MET B 151 3.03 5.32 -18.66
C MET B 151 4.09 4.91 -19.66
N PRO B 152 4.98 3.98 -19.27
CA PRO B 152 6.01 3.54 -20.21
C PRO B 152 5.36 2.88 -21.43
N GLU B 153 6.08 2.86 -22.54
CA GLU B 153 5.57 2.29 -23.78
C GLU B 153 5.25 0.80 -23.67
N GLY B 154 6.09 0.05 -22.99
CA GLY B 154 5.85 -1.38 -22.87
C GLY B 154 6.22 -2.09 -24.15
N SER B 155 5.73 -3.32 -24.32
CA SER B 155 6.04 -4.09 -25.51
C SER B 155 4.79 -4.62 -26.17
N PRO B 156 4.93 -5.16 -27.40
CA PRO B 156 3.73 -5.69 -28.06
C PRO B 156 3.34 -7.00 -27.36
N TRP B 157 2.09 -7.41 -27.54
CA TRP B 157 1.59 -8.64 -26.94
C TRP B 157 2.34 -9.85 -27.49
N PRO B 158 2.54 -10.88 -26.66
CA PRO B 158 3.23 -12.06 -27.19
C PRO B 158 2.14 -12.89 -27.86
N GLU B 159 2.52 -13.94 -28.57
CA GLU B 159 1.51 -14.79 -29.21
C GLU B 159 1.00 -15.81 -28.21
N GLY B 160 -0.25 -16.23 -28.35
CA GLY B 160 -0.79 -17.24 -27.46
C GLY B 160 -1.88 -16.83 -26.48
N VAL B 161 -2.05 -15.53 -26.29
CA VAL B 161 -3.05 -15.02 -25.35
C VAL B 161 -4.49 -15.23 -25.79
N ALA B 162 -5.19 -16.10 -25.07
CA ALA B 162 -6.61 -16.39 -25.37
C ALA B 162 -7.51 -15.45 -24.57
N LEU B 163 -8.34 -14.69 -25.28
CA LEU B 163 -9.26 -13.73 -24.66
C LEU B 163 -10.65 -14.35 -24.43
N PRO B 164 -11.44 -13.78 -23.50
CA PRO B 164 -12.78 -14.33 -23.26
C PRO B 164 -13.67 -14.19 -24.47
N ALA B 165 -14.39 -15.25 -24.80
CA ALA B 165 -15.30 -15.27 -25.95
C ALA B 165 -16.37 -14.19 -25.76
N GLY B 166 -16.55 -13.37 -26.80
CA GLY B 166 -17.53 -12.31 -26.74
C GLY B 166 -17.01 -11.00 -26.17
N ARG B 167 -15.80 -11.03 -25.60
CA ARG B 167 -15.22 -9.83 -25.01
C ARG B 167 -13.91 -9.43 -25.70
N GLU B 168 -13.45 -10.24 -26.65
CA GLU B 168 -12.19 -9.95 -27.31
C GLU B 168 -12.04 -8.53 -27.88
N ASP B 169 -13.12 -7.96 -28.38
CA ASP B 169 -13.05 -6.60 -28.93
C ASP B 169 -12.73 -5.56 -27.85
N SER B 170 -13.14 -5.81 -26.62
CA SER B 170 -12.88 -4.85 -25.54
C SER B 170 -11.40 -4.72 -25.19
N TYR B 171 -10.56 -5.60 -25.73
CA TYR B 171 -9.12 -5.55 -25.45
C TYR B 171 -8.34 -4.85 -26.56
N ALA B 172 -9.04 -4.48 -27.63
CA ALA B 172 -8.38 -3.83 -28.77
C ALA B 172 -7.54 -2.60 -28.44
N GLY B 173 -8.02 -1.75 -27.53
CA GLY B 173 -7.29 -0.55 -27.17
C GLY B 173 -6.07 -0.76 -26.28
N LEU B 174 -6.03 -1.88 -25.58
CA LEU B 174 -4.92 -2.21 -24.67
C LEU B 174 -3.75 -2.79 -25.43
N THR B 175 -3.12 -1.97 -26.27
CA THR B 175 -2.00 -2.39 -27.10
C THR B 175 -0.67 -2.66 -26.42
N SER B 176 -0.44 -2.06 -25.26
CA SER B 176 0.84 -2.28 -24.57
C SER B 176 0.80 -3.52 -23.67
N TYR B 177 1.95 -4.17 -23.53
CA TYR B 177 2.05 -5.37 -22.72
C TYR B 177 3.32 -5.42 -21.87
N VAL B 178 3.17 -5.95 -20.65
CA VAL B 178 4.29 -6.09 -19.74
C VAL B 178 4.04 -7.32 -18.89
N ARG B 179 5.08 -8.12 -18.70
CA ARG B 179 4.97 -9.32 -17.87
C ARG B 179 5.69 -9.10 -16.55
N LEU B 180 4.92 -9.06 -15.47
CA LEU B 180 5.46 -8.85 -14.13
C LEU B 180 5.65 -10.16 -13.39
N ARG B 181 6.76 -10.27 -12.66
CA ARG B 181 7.06 -11.48 -11.90
C ARG B 181 7.41 -11.08 -10.47
N ALA B 182 7.34 -12.05 -9.56
CA ALA B 182 7.65 -11.82 -8.16
C ALA B 182 9.10 -11.32 -8.02
N GLY B 183 9.28 -10.28 -7.22
CA GLY B 183 10.62 -9.74 -7.03
C GLY B 183 10.86 -8.54 -7.91
N ASP B 184 9.99 -8.31 -8.89
CA ASP B 184 10.13 -7.17 -9.78
C ASP B 184 9.75 -5.90 -9.03
N PRO B 185 10.26 -4.75 -9.47
CA PRO B 185 9.85 -3.56 -8.72
C PRO B 185 8.36 -3.30 -8.94
N LYS B 186 7.83 -2.37 -8.15
CA LYS B 186 6.43 -1.98 -8.22
C LYS B 186 6.10 -1.46 -9.63
N PHE B 187 4.92 -1.79 -10.13
CA PHE B 187 4.50 -1.30 -11.45
C PHE B 187 3.28 -0.41 -11.27
N VAL B 188 3.40 0.85 -11.67
CA VAL B 188 2.31 1.80 -11.52
C VAL B 188 1.39 1.92 -12.72
N MET B 189 0.09 1.94 -12.44
CA MET B 189 -0.92 2.09 -13.48
C MET B 189 -1.68 3.37 -13.17
N HIS B 190 -1.24 4.48 -13.76
CA HIS B 190 -1.88 5.77 -13.54
C HIS B 190 -3.35 5.73 -13.92
N ARG B 191 -4.12 6.55 -13.22
CA ARG B 191 -5.56 6.68 -13.46
C ARG B 191 -5.81 7.13 -14.89
N LYS B 192 -7.02 6.86 -15.39
CA LYS B 192 -7.44 7.22 -16.74
C LYS B 192 -6.80 6.37 -17.83
N HIS B 193 -6.11 5.32 -17.43
CA HIS B 193 -5.47 4.41 -18.38
C HIS B 193 -6.25 3.11 -18.46
N LEU B 194 -6.63 2.71 -19.67
CA LEU B 194 -7.33 1.45 -19.84
C LEU B 194 -6.35 0.33 -19.53
N HIS B 195 -6.80 -0.67 -18.79
CA HIS B 195 -5.92 -1.78 -18.45
C HIS B 195 -6.68 -3.05 -18.11
N ALA B 196 -5.98 -4.17 -18.20
CA ALA B 196 -6.53 -5.47 -17.89
C ALA B 196 -5.33 -6.34 -17.62
N PHE B 197 -5.56 -7.51 -17.03
CA PHE B 197 -4.44 -8.42 -16.77
C PHE B 197 -4.95 -9.83 -16.59
N ARG B 198 -4.05 -10.79 -16.74
CA ARG B 198 -4.44 -12.17 -16.59
C ARG B 198 -3.31 -13.02 -16.04
N CYS B 199 -3.69 -14.23 -15.63
CA CYS B 199 -2.72 -15.19 -15.14
C CYS B 199 -2.48 -16.08 -16.36
N PRO B 200 -1.20 -16.24 -16.78
CA PRO B 200 -0.94 -17.08 -17.95
C PRO B 200 -1.71 -18.40 -17.84
N ALA B 201 -2.29 -18.84 -18.96
CA ALA B 201 -3.07 -20.08 -18.98
C ALA B 201 -2.29 -21.32 -18.59
N ASP B 202 -0.98 -21.28 -18.75
CA ASP B 202 -0.13 -22.43 -18.44
C ASP B 202 0.44 -22.39 -17.03
N SER B 203 0.05 -21.39 -16.25
CA SER B 203 0.56 -21.27 -14.89
C SER B 203 0.13 -22.40 -13.97
N PRO B 204 1.08 -22.92 -13.17
CA PRO B 204 0.80 -24.01 -12.23
C PRO B 204 0.14 -23.49 -10.95
N VAL B 205 0.16 -22.18 -10.76
CA VAL B 205 -0.43 -21.58 -9.57
C VAL B 205 -1.29 -20.39 -9.92
N PRO B 206 -2.21 -20.02 -9.03
CA PRO B 206 -3.05 -18.87 -9.34
C PRO B 206 -2.14 -17.63 -9.22
N LEU B 207 -2.46 -16.58 -9.95
CA LEU B 207 -1.68 -15.37 -9.85
C LEU B 207 -2.11 -14.69 -8.55
N VAL B 208 -1.13 -14.27 -7.74
CA VAL B 208 -1.45 -13.60 -6.48
C VAL B 208 -0.72 -12.27 -6.54
N VAL B 209 -1.48 -11.19 -6.57
CA VAL B 209 -0.89 -9.86 -6.67
C VAL B 209 -1.42 -8.88 -5.63
N ARG B 210 -0.49 -8.17 -5.00
CA ARG B 210 -0.87 -7.18 -4.01
C ARG B 210 -0.99 -5.85 -4.73
N GLU B 211 -2.15 -5.23 -4.58
CA GLU B 211 -2.39 -3.95 -5.22
C GLU B 211 -2.47 -2.87 -4.16
N VAL B 212 -1.69 -1.82 -4.37
CA VAL B 212 -1.69 -0.68 -3.48
C VAL B 212 -2.08 0.48 -4.38
N SER B 213 -3.22 1.09 -4.08
CA SER B 213 -3.72 2.19 -4.88
C SER B 213 -4.35 3.24 -4.00
N THR B 214 -4.99 4.22 -4.64
CA THR B 214 -5.69 5.26 -3.93
C THR B 214 -7.07 4.64 -3.64
N TYR B 215 -7.91 5.35 -2.91
CA TYR B 215 -9.23 4.84 -2.54
C TYR B 215 -10.02 4.14 -3.66
N SER B 216 -10.69 3.03 -3.31
CA SER B 216 -11.51 2.29 -4.29
C SER B 216 -13.00 2.59 -4.12
N HIS B 217 -13.52 3.43 -5.00
CA HIS B 217 -14.93 3.79 -5.00
C HIS B 217 -15.71 2.69 -5.70
N GLU B 218 -16.16 1.71 -4.94
CA GLU B 218 -16.91 0.60 -5.51
C GLU B 218 -17.99 0.21 -4.52
N PRO B 219 -19.22 0.72 -4.72
CA PRO B 219 -20.30 0.36 -3.79
C PRO B 219 -20.50 -1.15 -3.76
N THR B 220 -19.76 -1.82 -2.87
CA THR B 220 -19.83 -3.27 -2.72
C THR B 220 -20.65 -3.64 -1.50
N GLU B 221 -20.34 -3.01 -0.36
CA GLU B 221 -21.06 -3.27 0.88
C GLU B 221 -21.94 -2.08 1.24
N ALA B 228 -20.75 7.75 4.64
CA ALA B 228 -19.87 8.17 3.57
C ALA B 228 -18.77 9.09 4.09
N PRO B 229 -17.52 8.87 3.68
CA PRO B 229 -16.37 9.69 4.10
C PRO B 229 -16.61 11.17 3.77
N LEU B 230 -17.26 11.40 2.63
CA LEU B 230 -17.56 12.75 2.17
C LEU B 230 -18.89 12.64 1.45
N PRO B 231 -19.73 13.69 1.53
CA PRO B 231 -21.03 13.64 0.86
C PRO B 231 -20.91 13.36 -0.64
N GLN B 232 -19.89 13.92 -1.26
CA GLN B 232 -19.65 13.74 -2.70
C GLN B 232 -19.36 12.29 -3.07
N TRP B 233 -18.74 11.56 -2.15
CA TRP B 233 -18.36 10.16 -2.37
C TRP B 233 -19.53 9.19 -2.36
N ARG B 234 -20.68 9.67 -1.88
CA ARG B 234 -21.85 8.81 -1.81
C ARG B 234 -22.36 8.38 -3.19
N GLY B 235 -22.46 7.06 -3.38
CA GLY B 235 -22.93 6.51 -4.64
C GLY B 235 -21.96 6.60 -5.80
N LEU B 236 -20.71 6.95 -5.50
CA LEU B 236 -19.70 7.10 -6.53
C LEU B 236 -19.12 5.78 -7.01
N HIS B 237 -19.04 5.63 -8.33
CA HIS B 237 -18.47 4.43 -8.94
C HIS B 237 -17.30 4.89 -9.80
N ASP B 238 -16.11 4.39 -9.51
CA ASP B 238 -14.92 4.80 -10.24
C ASP B 238 -14.34 3.71 -11.16
N ASN B 239 -15.16 2.73 -11.51
CA ASN B 239 -14.75 1.66 -12.40
C ASN B 239 -15.56 1.69 -13.69
N THR B 240 -14.94 2.06 -14.82
CA THR B 240 -15.70 2.03 -16.06
C THR B 240 -15.08 1.00 -17.00
N PHE B 241 -15.83 -0.08 -17.24
CA PHE B 241 -15.38 -1.17 -18.11
C PHE B 241 -15.70 -0.95 -19.59
N VAL B 242 -14.82 -1.43 -20.46
CA VAL B 242 -15.02 -1.30 -21.90
C VAL B 242 -16.28 -2.04 -22.33
N ALA B 243 -16.44 -3.27 -21.84
CA ALA B 243 -17.60 -4.09 -22.17
C ALA B 243 -18.80 -3.76 -21.29
N GLU B 244 -19.90 -3.37 -21.92
CA GLU B 244 -21.11 -3.04 -21.18
C GLU B 244 -21.58 -4.20 -20.32
N ALA B 245 -21.51 -5.41 -20.87
CA ALA B 245 -21.92 -6.61 -20.15
C ALA B 245 -21.27 -6.70 -18.77
N ALA B 246 -19.97 -6.43 -18.71
CA ALA B 246 -19.24 -6.48 -17.45
C ALA B 246 -19.44 -5.21 -16.65
N ASN B 247 -19.78 -4.13 -17.34
CA ASN B 247 -19.99 -2.85 -16.69
C ASN B 247 -21.14 -2.91 -15.69
N SER B 248 -22.37 -2.99 -16.21
CA SER B 248 -23.55 -3.04 -15.36
C SER B 248 -23.57 -4.22 -14.37
N GLY B 249 -23.76 -5.43 -14.89
CA GLY B 249 -23.80 -6.60 -14.04
C GLY B 249 -22.43 -7.01 -13.51
N ARG B 250 -21.76 -6.10 -12.82
CA ARG B 250 -20.43 -6.38 -12.28
C ARG B 250 -20.47 -6.57 -10.77
N LEU B 251 -21.32 -5.78 -10.11
CA LEU B 251 -21.47 -5.83 -8.67
C LEU B 251 -21.87 -7.21 -8.13
N ALA B 252 -22.74 -7.19 -7.12
CA ALA B 252 -23.25 -8.39 -6.47
C ALA B 252 -23.00 -9.69 -7.25
N THR B 253 -22.52 -10.71 -6.55
CA THR B 253 -22.26 -12.00 -7.15
C THR B 253 -23.45 -12.93 -6.91
N ALA B 254 -23.98 -13.50 -7.98
CA ALA B 254 -25.14 -14.40 -7.89
C ALA B 254 -24.72 -15.75 -7.33
N ILE B 255 -25.03 -15.98 -6.06
CA ILE B 255 -24.69 -17.22 -5.37
C ILE B 255 -25.93 -18.04 -5.06
N ALA B 256 -26.02 -19.23 -5.64
CA ALA B 256 -27.15 -20.12 -5.42
C ALA B 256 -26.85 -21.09 -4.29
MN MN C . 5.38 8.35 10.66
C1 0MK D . 7.51 6.87 9.24
C2 0MK D . 8.65 6.30 8.37
C3 0MK D . 9.67 7.39 8.05
C4 0MK D . 10.17 8.07 9.33
C5 0MK D . 8.97 8.60 10.12
O1 0MK D . 6.68 5.80 9.69
O2 0MK D . 8.11 5.77 7.17
O3 0MK D . 9.08 8.36 7.19
O4 0MK D . 11.04 9.14 9.00
O5 0MK D . 8.05 7.53 10.41
C1 0MK E . 24.43 -9.06 23.54
C2 0MK E . 25.56 -8.64 22.60
C3 0MK E . 26.07 -7.24 22.98
C4 0MK E . 26.47 -7.21 24.46
C5 0MK E . 25.30 -7.67 25.32
O1 0MK E . 24.07 -10.41 23.26
O2 0MK E . 25.09 -8.63 21.26
O3 0MK E . 25.03 -6.29 22.76
O4 0MK E . 26.84 -5.88 24.81
O5 0MK E . 24.87 -8.99 24.91
MN MN F . -8.07 -1.17 -12.13
C5 ROR G . -12.11 -4.20 -9.31
O5 ROR G . -12.64 -4.73 -10.50
C4 ROR G . -11.00 -3.21 -9.64
O4 ROR G . -10.94 -3.02 -11.04
C3 ROR G . -9.67 -3.74 -9.12
O3 ROR G . -9.61 -3.57 -7.72
C2 ROR G . -8.50 -2.99 -9.77
O2 ROR G . -8.89 -1.64 -10.01
C1 ROR G . -8.14 -3.65 -11.09
O1 ROR G . -6.97 -3.62 -11.49
C1 0MK H . -3.41 -5.74 -29.87
C2 0MK H . -4.49 -5.83 -28.79
C3 0MK H . -5.46 -6.98 -29.10
C4 0MK H . -4.71 -8.29 -29.33
C5 0MK H . -3.62 -8.10 -30.40
O1 0MK H . -2.44 -4.78 -29.49
O2 0MK H . -5.19 -4.60 -28.72
O3 0MK H . -6.23 -6.65 -30.24
O4 0MK H . -5.62 -9.29 -29.77
O5 0MK H . -2.74 -7.01 -30.02
#